data_1ZMJ
#
_entry.id   1ZMJ
#
_cell.length_a   120.775
_cell.length_b   120.775
_cell.length_c   120.775
_cell.angle_alpha   90.00
_cell.angle_beta   90.00
_cell.angle_gamma   90.00
#
_symmetry.space_group_name_H-M   'I 2 3'
#
loop_
_entity.id
_entity.type
_entity.pdbx_description
1 polymer 'Coagulation factor XI'
2 non-polymer 'SULFATE ION'
3 non-polymer (R)-1-(4-(4-(HYDROXYMETHYL)-1,3,2-DIOXABOROLAN-2-YL)BENZYL)GUANIDINE
4 non-polymer 2-AMINO-2-HYDROXYMETHYL-PROPANE-1,3-DIOL
5 water water
#
_entity_poly.entity_id   1
_entity_poly.type   'polypeptide(L)'
_entity_poly.pdbx_seq_one_letter_code
;IVGGTASVRGEWPWQVTLHTTSPTQRHLCGGSIIGNQWILTAAHCFYGVESPKILRVYSGILNQAEIAEDTSFFGVQEII
IHDQYKMAESGYDIALLKLETTVNYADSQRPISLPSKGDRNVIYTDCWVTGWGYRKLRDKIQNTLQKAKIPLVTNEECQK
RYRGHKITHKMICAGYREGGKDACKGDSGGPLSCKHNEVWHLVGITSWGEGCAQRERPGVYTNVVEYVDWILEKTQAV
;
_entity_poly.pdbx_strand_id   A
#
loop_
_chem_comp.id
_chem_comp.type
_chem_comp.name
_chem_comp.formula
HDB non-polymer (R)-1-(4-(4-(HYDROXYMETHYL)-1,3,2-DIOXABOROLAN-2-YL)BENZYL)GUANIDINE 'C11 H16 B N3 O3'
SO4 non-polymer 'SULFATE ION' 'O4 S -2'
TRS non-polymer 2-AMINO-2-HYDROXYMETHYL-PROPANE-1,3-DIOL 'C4 H12 N O3 1'
#
# COMPACT_ATOMS: atom_id res chain seq x y z
N ILE A 1 5.86 7.65 6.09
CA ILE A 1 4.66 8.49 6.39
C ILE A 1 5.05 9.84 6.98
N VAL A 2 4.58 10.93 6.37
CA VAL A 2 4.87 12.27 6.87
C VAL A 2 3.73 12.75 7.76
N GLY A 3 4.08 13.38 8.89
CA GLY A 3 3.08 13.91 9.80
C GLY A 3 2.22 12.88 10.50
N GLY A 4 2.70 11.66 10.60
CA GLY A 4 1.92 10.62 11.27
C GLY A 4 2.42 10.31 12.68
N THR A 5 1.89 9.24 13.25
CA THR A 5 2.30 8.82 14.59
C THR A 5 2.47 7.31 14.62
N ALA A 6 3.09 6.83 15.69
CA ALA A 6 3.32 5.40 15.86
C ALA A 6 1.99 4.67 15.95
N SER A 7 1.89 3.53 15.28
CA SER A 7 0.66 2.75 15.33
C SER A 7 0.71 1.85 16.56
N VAL A 8 -0.46 1.36 16.97
CA VAL A 8 -0.53 0.44 18.09
C VAL A 8 -0.31 -0.94 17.48
N ARG A 9 0.41 -1.81 18.18
CA ARG A 9 0.67 -3.15 17.67
C ARG A 9 -0.64 -3.86 17.31
N GLY A 10 -0.68 -4.46 16.13
CA GLY A 10 -1.88 -5.18 15.70
C GLY A 10 -3.01 -4.30 15.21
N GLU A 11 -2.77 -2.99 15.17
CA GLU A 11 -3.76 -2.03 14.72
C GLU A 11 -4.08 -2.13 13.22
N TRP A 12 -3.11 -2.57 12.42
CA TRP A 12 -3.28 -2.71 10.98
C TRP A 12 -2.77 -4.11 10.62
N PRO A 13 -3.47 -5.15 11.10
CA PRO A 13 -3.12 -6.55 10.88
C PRO A 13 -2.94 -7.02 9.44
N TRP A 14 -3.46 -6.24 8.48
CA TRP A 14 -3.32 -6.61 7.07
C TRP A 14 -2.05 -6.04 6.45
N GLN A 15 -1.43 -5.09 7.15
CA GLN A 15 -0.19 -4.48 6.67
C GLN A 15 1.00 -5.41 6.78
N VAL A 16 1.76 -5.53 5.70
CA VAL A 16 2.97 -6.35 5.70
C VAL A 16 4.14 -5.50 5.22
N THR A 17 5.35 -5.93 5.55
CA THR A 17 6.55 -5.24 5.10
C THR A 17 7.22 -6.21 4.14
N LEU A 18 7.45 -5.75 2.92
CA LEU A 18 8.07 -6.58 1.90
C LEU A 18 9.55 -6.22 1.80
N HIS A 19 10.40 -7.22 2.04
CA HIS A 19 11.85 -7.01 2.00
C HIS A 19 12.47 -7.67 0.78
N THR A 20 13.63 -7.15 0.39
CA THR A 20 14.39 -7.75 -0.69
C THR A 20 15.66 -8.14 0.03
N THR A 21 16.28 -9.25 -0.37
CA THR A 21 17.51 -9.68 0.27
C THR A 21 18.75 -9.28 -0.53
N SER A 22 18.54 -8.52 -1.60
CA SER A 22 19.66 -8.11 -2.46
C SER A 22 19.86 -6.59 -2.49
N PRO A 23 21.10 -6.11 -2.27
CA PRO A 23 22.30 -6.93 -1.97
C PRO A 23 22.26 -7.51 -0.56
N THR A 24 21.78 -6.72 0.39
CA THR A 24 21.62 -7.17 1.77
C THR A 24 20.16 -6.87 2.09
N GLN A 25 19.59 -7.55 3.07
CA GLN A 25 18.18 -7.37 3.39
C GLN A 25 17.77 -5.98 3.84
N ARG A 26 16.65 -5.51 3.29
CA ARG A 26 16.11 -4.20 3.62
C ARG A 26 14.64 -4.14 3.22
N HIS A 27 13.91 -3.25 3.88
CA HIS A 27 12.51 -3.03 3.58
C HIS A 27 12.42 -2.42 2.19
N LEU A 28 11.55 -2.97 1.35
CA LEU A 28 11.36 -2.50 0.00
C LEU A 28 10.03 -1.75 -0.15
N CYS A 29 8.95 -2.42 0.23
CA CYS A 29 7.62 -1.82 0.06
C CYS A 29 6.64 -2.31 1.13
N GLY A 30 5.47 -1.67 1.15
CA GLY A 30 4.40 -2.09 2.03
C GLY A 30 3.51 -2.96 1.17
N GLY A 31 2.50 -3.58 1.77
CA GLY A 31 1.57 -4.42 1.04
C GLY A 31 0.42 -4.77 1.97
N SER A 32 -0.62 -5.39 1.43
CA SER A 32 -1.78 -5.76 2.23
C SER A 32 -2.20 -7.21 2.05
N ILE A 33 -2.45 -7.91 3.15
CA ILE A 33 -2.90 -9.29 3.06
C ILE A 33 -4.35 -9.25 2.61
N ILE A 34 -4.68 -9.88 1.49
CA ILE A 34 -6.07 -9.89 1.04
C ILE A 34 -6.60 -11.31 0.94
N GLY A 35 -5.71 -12.29 1.06
CA GLY A 35 -6.09 -13.68 0.98
C GLY A 35 -5.06 -14.51 1.73
N ASN A 36 -5.38 -15.78 2.01
CA ASN A 36 -4.46 -16.65 2.75
C ASN A 36 -3.09 -16.80 2.10
N GLN A 37 -3.03 -16.62 0.78
CA GLN A 37 -1.76 -16.75 0.07
C GLN A 37 -1.53 -15.56 -0.86
N TRP A 38 -2.23 -14.46 -0.58
CA TRP A 38 -2.11 -13.29 -1.44
C TRP A 38 -1.86 -11.93 -0.79
N ILE A 39 -0.86 -11.23 -1.31
CA ILE A 39 -0.53 -9.89 -0.83
C ILE A 39 -0.83 -8.94 -1.98
N LEU A 40 -1.55 -7.85 -1.73
CA LEU A 40 -1.82 -6.88 -2.78
C LEU A 40 -0.86 -5.72 -2.55
N THR A 41 -0.12 -5.33 -3.58
CA THR A 41 0.84 -4.26 -3.44
C THR A 41 0.95 -3.44 -4.74
N ALA A 42 1.99 -2.62 -4.87
CA ALA A 42 2.17 -1.78 -6.06
C ALA A 42 3.17 -2.38 -7.05
N ALA A 43 2.81 -2.31 -8.33
CA ALA A 43 3.64 -2.85 -9.40
C ALA A 43 5.02 -2.23 -9.50
N HIS A 44 5.09 -0.91 -9.35
CA HIS A 44 6.38 -0.22 -9.49
C HIS A 44 7.35 -0.59 -8.37
N CYS A 45 6.87 -1.43 -7.44
CA CYS A 45 7.71 -1.83 -6.33
C CYS A 45 8.74 -2.89 -6.75
N PHE A 46 8.52 -3.45 -7.96
CA PHE A 46 9.36 -4.56 -8.40
C PHE A 46 10.30 -4.15 -9.53
N TYR A 47 10.65 -2.84 -9.57
CA TYR A 47 11.59 -2.39 -10.59
C TYR A 47 13.00 -2.90 -10.31
N GLY A 48 13.52 -3.69 -11.27
CA GLY A 48 14.86 -4.25 -11.10
C GLY A 48 14.81 -5.62 -10.43
N VAL A 49 13.60 -6.09 -10.15
CA VAL A 49 13.40 -7.39 -9.53
C VAL A 49 13.08 -8.43 -10.58
N GLU A 50 14.03 -9.33 -10.83
CA GLU A 50 13.83 -10.34 -11.86
C GLU A 50 13.46 -11.71 -11.35
N SER A 51 13.40 -11.85 -10.03
CA SER A 51 13.01 -13.11 -9.40
C SER A 51 12.39 -12.91 -8.03
N PRO A 52 11.36 -13.71 -7.72
CA PRO A 52 10.65 -13.66 -6.45
C PRO A 52 11.53 -14.22 -5.33
N LYS A 53 12.58 -14.93 -5.73
CA LYS A 53 13.50 -15.56 -4.78
C LYS A 53 14.17 -14.61 -3.81
N ILE A 54 14.32 -13.34 -4.18
CA ILE A 54 14.97 -12.37 -3.31
C ILE A 54 13.96 -11.61 -2.45
N LEU A 55 12.70 -12.01 -2.50
CA LEU A 55 11.66 -11.35 -1.73
C LEU A 55 11.27 -12.10 -0.46
N ARG A 56 10.91 -11.35 0.58
CA ARG A 56 10.49 -11.93 1.85
C ARG A 56 9.35 -11.08 2.38
N VAL A 57 8.23 -11.71 2.68
CA VAL A 57 7.09 -10.99 3.22
C VAL A 57 6.96 -11.26 4.71
N TYR A 58 6.93 -10.19 5.49
CA TYR A 58 6.80 -10.32 6.93
C TYR A 58 5.45 -9.73 7.38
N SER A 59 4.67 -10.55 8.08
CA SER A 59 3.38 -10.12 8.59
C SER A 59 3.44 -10.00 10.12
N GLY A 60 2.44 -9.34 10.71
CA GLY A 60 2.40 -9.19 12.15
C GLY A 60 3.56 -8.38 12.70
N ILE A 61 4.08 -7.44 11.91
CA ILE A 61 5.20 -6.62 12.35
C ILE A 61 4.80 -5.19 12.72
N LEU A 62 5.36 -4.69 13.82
CA LEU A 62 5.14 -3.31 14.24
C LEU A 62 6.46 -2.57 14.01
N ASN A 63 7.53 -3.08 14.60
CA ASN A 63 8.85 -2.47 14.48
C ASN A 63 9.76 -3.30 13.60
N GLN A 64 10.49 -2.63 12.70
CA GLN A 64 11.40 -3.33 11.81
C GLN A 64 12.41 -4.08 12.66
N ALA A 65 12.67 -3.58 13.86
CA ALA A 65 13.63 -4.23 14.76
C ALA A 65 13.23 -5.67 15.12
N GLU A 66 11.95 -6.00 14.94
CA GLU A 66 11.47 -7.35 15.24
C GLU A 66 11.99 -8.35 14.21
N ILE A 67 12.39 -7.84 13.05
CA ILE A 67 12.88 -8.70 11.99
C ILE A 67 14.37 -8.97 12.12
N ALA A 68 14.72 -10.23 12.34
CA ALA A 68 16.11 -10.64 12.46
C ALA A 68 16.33 -11.84 11.55
N GLU A 69 17.56 -12.33 11.48
CA GLU A 69 17.86 -13.47 10.62
C GLU A 69 17.05 -14.70 11.03
N ASP A 70 16.66 -14.76 12.30
CA ASP A 70 15.88 -15.90 12.78
C ASP A 70 14.37 -15.67 12.79
N THR A 71 13.92 -14.59 12.17
CA THR A 71 12.49 -14.29 12.11
C THR A 71 11.85 -15.00 10.93
N SER A 72 10.69 -15.59 11.17
CA SER A 72 9.97 -16.31 10.13
C SER A 72 9.37 -15.33 9.11
N PHE A 73 9.29 -15.76 7.86
CA PHE A 73 8.74 -14.92 6.80
C PHE A 73 8.07 -15.80 5.76
N PHE A 74 7.37 -15.17 4.83
CA PHE A 74 6.69 -15.87 3.75
C PHE A 74 7.48 -15.66 2.47
N GLY A 75 7.84 -16.75 1.81
CA GLY A 75 8.55 -16.63 0.55
C GLY A 75 7.53 -16.25 -0.51
N VAL A 76 7.99 -15.70 -1.62
CA VAL A 76 7.09 -15.32 -2.71
C VAL A 76 7.25 -16.31 -3.84
N GLN A 77 6.14 -16.94 -4.23
CA GLN A 77 6.16 -17.93 -5.29
C GLN A 77 6.02 -17.29 -6.66
N GLU A 78 5.26 -16.20 -6.73
CA GLU A 78 5.05 -15.54 -8.00
C GLU A 78 4.65 -14.08 -7.84
N ILE A 79 5.19 -13.26 -8.74
CA ILE A 79 4.90 -11.84 -8.75
C ILE A 79 3.99 -11.61 -9.97
N ILE A 80 2.78 -11.13 -9.73
CA ILE A 80 1.85 -10.88 -10.82
C ILE A 80 1.63 -9.38 -10.98
N ILE A 81 2.16 -8.83 -12.05
CA ILE A 81 2.05 -7.40 -12.38
C ILE A 81 0.94 -7.23 -13.41
N HIS A 82 0.12 -6.18 -13.25
CA HIS A 82 -0.97 -5.94 -14.21
C HIS A 82 -0.33 -5.77 -15.60
N ASP A 83 -0.86 -6.47 -16.60
CA ASP A 83 -0.28 -6.41 -17.93
C ASP A 83 -0.30 -5.04 -18.60
N GLN A 84 -1.11 -4.11 -18.11
CA GLN A 84 -1.14 -2.78 -18.70
C GLN A 84 -0.23 -1.81 -17.96
N TYR A 85 0.39 -2.28 -16.88
CA TYR A 85 1.29 -1.43 -16.10
C TYR A 85 2.56 -1.08 -16.85
N LYS A 86 2.92 0.21 -16.79
CA LYS A 86 4.14 0.73 -17.42
C LYS A 86 4.92 1.50 -16.35
N MET A 87 4.23 2.36 -15.62
CA MET A 87 4.85 3.15 -14.55
C MET A 87 3.78 3.73 -13.63
N ALA A 88 4.11 3.91 -12.36
CA ALA A 88 3.18 4.43 -11.37
C ALA A 88 2.29 5.58 -11.85
N GLU A 89 2.90 6.64 -12.35
CA GLU A 89 2.19 7.82 -12.83
C GLU A 89 1.22 7.59 -13.99
N SER A 90 1.30 6.44 -14.65
CA SER A 90 0.40 6.15 -15.76
C SER A 90 -0.75 5.24 -15.35
N GLY A 91 -0.80 4.86 -14.07
CA GLY A 91 -1.87 4.01 -13.61
C GLY A 91 -1.53 2.53 -13.62
N TYR A 92 -2.54 1.70 -13.34
CA TYR A 92 -2.36 0.25 -13.31
C TYR A 92 -1.23 -0.18 -12.37
N ASP A 93 -0.95 0.66 -11.37
CA ASP A 93 0.12 0.37 -10.42
C ASP A 93 -0.40 -0.62 -9.40
N ILE A 94 -0.48 -1.87 -9.81
CA ILE A 94 -1.00 -2.90 -8.93
C ILE A 94 -0.36 -4.25 -9.23
N ALA A 95 -0.08 -5.00 -8.18
CA ALA A 95 0.55 -6.30 -8.34
C ALA A 95 0.13 -7.25 -7.23
N LEU A 96 0.12 -8.54 -7.54
CA LEU A 96 -0.21 -9.57 -6.57
C LEU A 96 1.02 -10.41 -6.29
N LEU A 97 1.18 -10.79 -5.04
CA LEU A 97 2.28 -11.66 -4.66
C LEU A 97 1.66 -12.94 -4.16
N LYS A 98 1.95 -14.03 -4.86
CA LYS A 98 1.42 -15.33 -4.45
C LYS A 98 2.48 -15.90 -3.52
N LEU A 99 2.10 -16.13 -2.27
CA LEU A 99 3.03 -16.64 -1.28
C LEU A 99 3.29 -18.13 -1.44
N GLU A 100 4.48 -18.56 -1.06
CA GLU A 100 4.87 -19.95 -1.15
C GLU A 100 4.09 -20.78 -0.12
N THR A 101 3.69 -20.14 0.96
CA THR A 101 2.95 -20.82 2.01
C THR A 101 1.75 -20.00 2.44
N THR A 102 0.81 -20.63 3.13
CA THR A 102 -0.39 -19.97 3.59
C THR A 102 -0.22 -19.24 4.92
N VAL A 103 -0.84 -18.07 5.03
CA VAL A 103 -0.79 -17.28 6.24
C VAL A 103 -1.86 -17.79 7.21
N ASN A 104 -1.47 -18.09 8.44
CA ASN A 104 -2.43 -18.53 9.46
C ASN A 104 -2.92 -17.27 10.16
N TYR A 105 -4.17 -16.89 9.91
CA TYR A 105 -4.73 -15.69 10.49
C TYR A 105 -4.75 -15.69 12.01
N ALA A 106 -4.61 -14.50 12.58
CA ALA A 106 -4.62 -14.30 14.02
C ALA A 106 -4.81 -12.81 14.25
N ASP A 107 -4.92 -12.39 15.50
CA ASP A 107 -5.11 -10.98 15.84
C ASP A 107 -3.99 -10.10 15.29
N SER A 108 -2.83 -10.69 15.04
CA SER A 108 -1.68 -9.93 14.53
C SER A 108 -1.58 -9.91 13.01
N GLN A 109 -2.26 -10.84 12.35
CA GLN A 109 -2.20 -10.90 10.88
C GLN A 109 -3.50 -11.47 10.31
N ARG A 110 -4.26 -10.62 9.63
CA ARG A 110 -5.53 -11.04 9.04
C ARG A 110 -5.78 -10.21 7.78
N PRO A 111 -6.63 -10.70 6.87
CA PRO A 111 -6.91 -9.97 5.64
C PRO A 111 -7.82 -8.75 5.75
N ILE A 112 -7.66 -7.82 4.82
CA ILE A 112 -8.52 -6.66 4.79
C ILE A 112 -9.47 -6.90 3.62
N SER A 113 -10.75 -6.60 3.80
CA SER A 113 -11.71 -6.82 2.72
C SER A 113 -11.52 -5.82 1.59
N LEU A 114 -11.78 -6.29 0.38
CA LEU A 114 -11.69 -5.43 -0.79
C LEU A 114 -12.98 -4.63 -0.86
N PRO A 115 -12.94 -3.44 -1.47
CA PRO A 115 -14.16 -2.65 -1.55
C PRO A 115 -15.13 -3.29 -2.56
N SER A 116 -16.41 -2.99 -2.45
CA SER A 116 -17.37 -3.54 -3.39
C SER A 116 -17.75 -2.47 -4.39
N LYS A 117 -18.13 -2.88 -5.60
CA LYS A 117 -18.53 -1.93 -6.63
C LYS A 117 -19.76 -1.14 -6.18
N GLY A 118 -20.44 -1.64 -5.16
CA GLY A 118 -21.63 -0.97 -4.66
C GLY A 118 -21.29 0.02 -3.57
N ASP A 119 -20.02 0.41 -3.51
CA ASP A 119 -19.55 1.36 -2.51
C ASP A 119 -18.78 2.53 -3.11
N ARG A 120 -19.03 2.77 -4.40
CA ARG A 120 -18.38 3.84 -5.11
C ARG A 120 -19.05 5.15 -4.78
N ASN A 121 -20.32 5.08 -4.38
CA ASN A 121 -21.08 6.27 -4.04
C ASN A 121 -20.87 6.59 -2.57
N VAL A 122 -20.42 5.58 -1.81
CA VAL A 122 -20.21 5.75 -0.40
C VAL A 122 -19.07 6.73 -0.16
N ILE A 123 -19.20 7.55 0.88
CA ILE A 123 -18.19 8.55 1.20
C ILE A 123 -17.37 8.15 2.43
N TYR A 124 -16.11 7.83 2.20
CA TYR A 124 -15.26 7.42 3.29
C TYR A 124 -14.80 8.64 4.05
N THR A 125 -15.10 8.66 5.34
CA THR A 125 -14.73 9.78 6.18
C THR A 125 -13.72 9.38 7.23
N ASP A 126 -13.24 8.14 7.13
CA ASP A 126 -12.27 7.63 8.07
C ASP A 126 -11.20 6.81 7.38
N CYS A 127 -10.31 7.49 6.68
CA CYS A 127 -9.26 6.81 5.94
C CYS A 127 -7.88 7.08 6.50
N TRP A 128 -7.04 6.05 6.47
CA TRP A 128 -5.70 6.14 7.00
C TRP A 128 -4.68 5.53 6.06
N VAL A 129 -3.49 6.12 6.03
CA VAL A 129 -2.41 5.61 5.20
C VAL A 129 -1.35 5.18 6.19
N THR A 130 -0.76 4.02 5.97
CA THR A 130 0.24 3.49 6.88
C THR A 130 1.52 2.99 6.21
N GLY A 131 2.59 2.89 6.99
CA GLY A 131 3.84 2.40 6.42
C GLY A 131 5.08 2.76 7.22
N TRP A 132 6.21 2.19 6.80
CA TRP A 132 7.51 2.41 7.42
C TRP A 132 8.33 3.40 6.60
N GLY A 133 7.67 4.10 5.70
CA GLY A 133 8.37 5.05 4.83
C GLY A 133 8.98 6.28 5.46
N TYR A 134 9.60 7.10 4.62
CA TYR A 134 10.25 8.35 5.02
C TYR A 134 9.28 9.29 5.72
N ARG A 135 9.84 10.16 6.56
CA ARG A 135 9.07 11.16 7.27
C ARG A 135 9.24 12.49 6.54
N LYS A 136 10.12 12.49 5.55
CA LYS A 136 10.41 13.65 4.71
C LYS A 136 11.05 13.18 3.41
N LEU A 137 10.82 13.91 2.32
CA LEU A 137 11.35 13.55 1.01
C LEU A 137 12.75 12.94 1.10
N ARG A 138 13.59 13.51 1.94
CA ARG A 138 14.95 13.01 2.13
C ARG A 138 15.10 12.48 3.55
N ASP A 139 15.00 11.16 3.70
CA ASP A 139 15.09 10.55 5.01
C ASP A 139 15.47 9.08 4.88
N LYS A 140 14.87 8.23 5.71
CA LYS A 140 15.14 6.79 5.68
C LYS A 140 13.98 5.99 6.26
N ILE A 141 14.03 4.68 6.08
CA ILE A 141 12.98 3.79 6.56
C ILE A 141 12.80 3.92 8.07
N GLN A 142 11.55 4.00 8.51
CA GLN A 142 11.26 4.13 9.94
C GLN A 142 11.13 2.78 10.64
N ASN A 143 11.52 2.74 11.92
CA ASN A 143 11.44 1.51 12.69
C ASN A 143 10.00 1.10 12.99
N THR A 144 9.25 2.02 13.57
CA THR A 144 7.87 1.78 13.96
C THR A 144 6.86 2.14 12.88
N LEU A 145 5.95 1.21 12.58
CA LEU A 145 4.92 1.47 11.57
C LEU A 145 4.19 2.76 11.92
N GLN A 146 4.15 3.69 10.97
CA GLN A 146 3.48 4.98 11.16
C GLN A 146 2.10 5.00 10.53
N LYS A 147 1.22 5.83 11.08
CA LYS A 147 -0.14 5.96 10.58
C LYS A 147 -0.52 7.43 10.51
N ALA A 148 -1.36 7.78 9.54
CA ALA A 148 -1.82 9.15 9.38
C ALA A 148 -3.22 9.16 8.81
N LYS A 149 -4.11 9.92 9.42
CA LYS A 149 -5.49 10.02 8.95
C LYS A 149 -5.51 11.08 7.84
N ILE A 150 -6.03 10.71 6.68
CA ILE A 150 -6.06 11.62 5.55
C ILE A 150 -7.37 11.56 4.78
N PRO A 151 -7.96 12.73 4.48
CA PRO A 151 -9.21 12.79 3.75
C PRO A 151 -9.04 12.53 2.25
N LEU A 152 -10.02 11.87 1.67
CA LEU A 152 -10.01 11.60 0.24
C LEU A 152 -10.39 12.90 -0.45
N VAL A 153 -9.89 13.10 -1.66
CA VAL A 153 -10.20 14.28 -2.45
C VAL A 153 -10.80 13.80 -3.77
N THR A 154 -11.75 14.54 -4.33
CA THR A 154 -12.36 14.15 -5.58
C THR A 154 -11.32 14.14 -6.70
N ASN A 155 -11.57 13.35 -7.74
CA ASN A 155 -10.65 13.27 -8.87
C ASN A 155 -10.50 14.62 -9.56
N GLU A 156 -11.60 15.37 -9.63
CA GLU A 156 -11.55 16.68 -10.27
C GLU A 156 -10.63 17.59 -9.48
N GLU A 157 -10.73 17.51 -8.16
CA GLU A 157 -9.90 18.33 -7.28
C GLU A 157 -8.44 17.92 -7.44
N CYS A 158 -8.21 16.61 -7.51
CA CYS A 158 -6.88 16.06 -7.66
C CYS A 158 -6.24 16.44 -8.98
N GLN A 159 -7.04 16.41 -10.05
CA GLN A 159 -6.55 16.74 -11.38
C GLN A 159 -6.00 18.16 -11.44
N LYS A 160 -6.61 19.06 -10.67
CA LYS A 160 -6.18 20.46 -10.63
C LYS A 160 -4.82 20.61 -9.99
N ARG A 161 -4.46 19.69 -9.10
CA ARG A 161 -3.18 19.74 -8.42
C ARG A 161 -2.09 19.03 -9.22
N TYR A 162 -2.49 18.33 -10.27
CA TYR A 162 -1.55 17.62 -11.12
C TYR A 162 -1.79 17.87 -12.60
N ARG A 163 -1.64 19.14 -12.99
CA ARG A 163 -1.84 19.59 -14.37
C ARG A 163 -1.04 18.84 -15.43
N GLY A 164 0.19 18.46 -15.10
CA GLY A 164 1.00 17.74 -16.08
C GLY A 164 0.66 16.27 -16.15
N HIS A 165 -0.27 15.82 -15.31
CA HIS A 165 -0.66 14.41 -15.29
C HIS A 165 -2.13 14.20 -15.60
N LYS A 166 -2.48 12.95 -15.84
CA LYS A 166 -3.87 12.60 -16.11
C LYS A 166 -4.33 11.72 -14.96
N ILE A 167 -5.15 12.29 -14.08
CA ILE A 167 -5.66 11.54 -12.94
C ILE A 167 -6.92 10.82 -13.43
N THR A 168 -6.81 9.52 -13.67
CA THR A 168 -7.93 8.74 -14.18
C THR A 168 -8.84 8.23 -13.07
N HIS A 169 -9.96 7.63 -13.45
CA HIS A 169 -10.88 7.10 -12.45
C HIS A 169 -10.31 5.83 -11.83
N LYS A 170 -9.18 5.36 -12.33
CA LYS A 170 -8.55 4.18 -11.78
C LYS A 170 -7.56 4.57 -10.70
N MET A 171 -7.58 5.86 -10.37
CA MET A 171 -6.74 6.43 -9.33
C MET A 171 -7.65 7.14 -8.34
N ILE A 172 -7.16 7.31 -7.12
CA ILE A 172 -7.91 8.02 -6.10
C ILE A 172 -6.87 8.78 -5.29
N CYS A 173 -7.18 10.02 -4.93
CA CYS A 173 -6.23 10.82 -4.18
C CYS A 173 -6.68 11.15 -2.77
N ALA A 174 -5.72 11.50 -1.92
CA ALA A 174 -6.01 11.86 -0.55
C ALA A 174 -4.93 12.79 -0.05
N GLY A 175 -5.34 13.81 0.69
CA GLY A 175 -4.41 14.77 1.23
C GLY A 175 -5.12 16.00 1.77
N TYR A 176 -4.34 16.89 2.40
CA TYR A 176 -4.88 18.13 2.95
C TYR A 176 -4.43 19.25 2.02
N ARG A 177 -5.32 20.20 1.76
CA ARG A 177 -4.96 21.31 0.88
C ARG A 177 -3.65 21.94 1.35
N GLU A 178 -3.47 22.01 2.66
CA GLU A 178 -2.26 22.59 3.22
C GLU A 178 -1.10 21.60 3.42
N GLY A 179 -1.31 20.35 3.02
CA GLY A 179 -0.27 19.34 3.16
C GLY A 179 0.00 18.96 4.61
N GLY A 180 1.20 18.45 4.88
CA GLY A 180 1.54 18.08 6.26
C GLY A 180 1.42 16.61 6.60
N LYS A 181 0.50 15.90 5.96
CA LYS A 181 0.32 14.47 6.21
C LYS A 181 0.26 13.77 4.85
N ASP A 182 1.03 12.70 4.69
CA ASP A 182 1.05 12.04 3.40
C ASP A 182 1.98 10.83 3.41
N ALA A 183 1.88 10.01 2.37
CA ALA A 183 2.76 8.85 2.27
C ALA A 183 4.09 9.37 1.71
N CYS A 184 5.16 8.60 1.88
CA CYS A 184 6.47 9.01 1.35
C CYS A 184 7.27 7.76 1.00
N LYS A 185 8.42 7.93 0.35
CA LYS A 185 9.25 6.80 -0.07
C LYS A 185 9.35 5.69 0.95
N GLY A 186 9.01 4.47 0.54
CA GLY A 186 9.05 3.34 1.43
C GLY A 186 7.65 2.90 1.81
N ASP A 187 6.68 3.80 1.65
CA ASP A 187 5.30 3.49 1.96
C ASP A 187 4.62 2.85 0.75
N SER A 188 5.26 2.95 -0.41
CA SER A 188 4.68 2.37 -1.64
C SER A 188 4.17 0.97 -1.45
N GLY A 189 3.05 0.68 -2.08
CA GLY A 189 2.49 -0.66 -2.02
C GLY A 189 1.64 -0.77 -0.80
N GLY A 190 1.75 0.20 0.11
CA GLY A 190 0.98 0.19 1.35
C GLY A 190 -0.49 0.38 1.09
N PRO A 191 -1.33 0.09 2.06
CA PRO A 191 -2.78 0.21 1.94
C PRO A 191 -3.29 1.56 2.36
N LEU A 192 -4.44 1.95 1.80
CA LEU A 192 -5.10 3.20 2.14
C LEU A 192 -6.40 2.71 2.71
N SER A 193 -6.34 2.28 3.98
CA SER A 193 -7.51 1.74 4.69
C SER A 193 -8.57 2.78 5.11
N CYS A 194 -9.84 2.43 4.89
CA CYS A 194 -10.94 3.32 5.21
C CYS A 194 -11.99 2.48 5.93
N LYS A 195 -12.43 2.99 7.07
CA LYS A 195 -13.42 2.29 7.88
C LYS A 195 -14.82 2.83 7.69
N HIS A 196 -15.69 2.00 7.13
CA HIS A 196 -17.07 2.42 6.90
C HIS A 196 -18.07 1.45 7.51
N ASN A 197 -18.86 1.95 8.46
CA ASN A 197 -19.87 1.15 9.13
C ASN A 197 -19.27 0.00 9.94
N GLU A 198 -18.13 0.28 10.57
CA GLU A 198 -17.43 -0.69 11.42
C GLU A 198 -16.67 -1.74 10.65
N VAL A 199 -16.40 -1.47 9.37
CA VAL A 199 -15.67 -2.42 8.55
C VAL A 199 -14.59 -1.75 7.73
N TRP A 200 -13.37 -2.26 7.84
CA TRP A 200 -12.24 -1.72 7.12
C TRP A 200 -12.22 -2.21 5.68
N HIS A 201 -11.92 -1.30 4.76
CA HIS A 201 -11.83 -1.63 3.35
C HIS A 201 -10.53 -1.11 2.77
N LEU A 202 -9.94 -1.90 1.86
CA LEU A 202 -8.71 -1.52 1.21
C LEU A 202 -9.14 -0.65 0.03
N VAL A 203 -9.18 0.66 0.27
CA VAL A 203 -9.61 1.60 -0.76
C VAL A 203 -8.53 1.92 -1.80
N GLY A 204 -7.30 2.10 -1.34
CA GLY A 204 -6.24 2.41 -2.29
C GLY A 204 -4.91 1.78 -1.95
N ILE A 205 -3.99 1.83 -2.90
CA ILE A 205 -2.63 1.32 -2.75
C ILE A 205 -1.71 2.52 -2.95
N THR A 206 -0.84 2.79 -1.99
CA THR A 206 0.09 3.92 -2.10
C THR A 206 0.86 3.81 -3.41
N SER A 207 0.71 4.82 -4.28
CA SER A 207 1.36 4.77 -5.59
C SER A 207 2.38 5.87 -5.89
N TRP A 208 1.97 7.13 -5.84
CA TRP A 208 2.89 8.22 -6.11
C TRP A 208 2.38 9.58 -5.67
N GLY A 209 3.21 10.59 -5.93
CA GLY A 209 2.87 11.95 -5.58
C GLY A 209 4.06 12.86 -5.87
N GLU A 210 3.83 14.16 -5.89
CA GLU A 210 4.93 15.10 -6.14
C GLU A 210 5.54 15.46 -4.79
N GLY A 211 6.70 14.90 -4.49
CA GLY A 211 7.33 15.16 -3.21
C GLY A 211 6.53 14.41 -2.16
N CYS A 212 6.57 14.88 -0.92
CA CYS A 212 5.82 14.25 0.16
C CYS A 212 5.18 15.31 1.05
N ALA A 213 3.87 15.22 1.23
CA ALA A 213 3.13 16.15 2.09
C ALA A 213 3.21 17.61 1.74
N GLN A 214 3.48 17.93 0.47
CA GLN A 214 3.56 19.32 0.08
C GLN A 214 2.16 19.92 -0.03
N ARG A 215 2.08 21.24 0.11
CA ARG A 215 0.81 21.93 0.01
C ARG A 215 0.24 21.72 -1.39
N GLU A 216 -1.06 21.51 -1.46
CA GLU A 216 -1.75 21.30 -2.73
C GLU A 216 -1.14 20.21 -3.62
N ARG A 217 -0.71 19.11 -2.99
CA ARG A 217 -0.14 17.98 -3.72
C ARG A 217 -0.58 16.70 -3.03
N PRO A 218 -1.84 16.31 -3.25
CA PRO A 218 -2.43 15.10 -2.67
C PRO A 218 -1.70 13.83 -3.08
N GLY A 219 -1.68 12.84 -2.18
CA GLY A 219 -1.04 11.59 -2.52
C GLY A 219 -1.94 10.90 -3.54
N VAL A 220 -1.34 10.14 -4.45
CA VAL A 220 -2.10 9.44 -5.47
C VAL A 220 -2.03 7.94 -5.20
N TYR A 221 -3.20 7.30 -5.20
CA TYR A 221 -3.32 5.88 -4.92
C TYR A 221 -4.05 5.11 -6.01
N THR A 222 -3.78 3.82 -6.08
CA THR A 222 -4.46 2.97 -7.06
C THR A 222 -5.86 2.78 -6.48
N ASN A 223 -6.87 3.05 -7.30
CA ASN A 223 -8.27 2.92 -6.88
C ASN A 223 -8.62 1.43 -6.94
N VAL A 224 -8.40 0.75 -5.84
CA VAL A 224 -8.63 -0.69 -5.74
C VAL A 224 -9.96 -1.23 -6.27
N VAL A 225 -11.07 -0.55 -5.98
CA VAL A 225 -12.36 -1.02 -6.45
C VAL A 225 -12.38 -1.27 -7.95
N GLU A 226 -11.55 -0.53 -8.70
CA GLU A 226 -11.49 -0.69 -10.15
C GLU A 226 -10.75 -1.94 -10.60
N TYR A 227 -10.18 -2.68 -9.65
CA TYR A 227 -9.43 -3.88 -9.97
C TYR A 227 -9.95 -5.15 -9.30
N VAL A 228 -11.17 -5.12 -8.75
CA VAL A 228 -11.70 -6.31 -8.10
C VAL A 228 -11.88 -7.43 -9.10
N ASP A 229 -12.26 -7.10 -10.33
CA ASP A 229 -12.43 -8.12 -11.37
C ASP A 229 -11.05 -8.71 -11.72
N TRP A 230 -10.06 -7.84 -11.84
CA TRP A 230 -8.70 -8.27 -12.16
C TRP A 230 -8.16 -9.17 -11.05
N ILE A 231 -8.34 -8.72 -9.81
CA ILE A 231 -7.87 -9.49 -8.66
C ILE A 231 -8.51 -10.88 -8.64
N LEU A 232 -9.81 -10.93 -8.89
CA LEU A 232 -10.52 -12.22 -8.90
C LEU A 232 -9.93 -13.11 -9.98
N GLU A 233 -9.76 -12.56 -11.19
CA GLU A 233 -9.21 -13.33 -12.31
C GLU A 233 -7.82 -13.90 -12.01
N LYS A 234 -6.94 -13.04 -11.49
CA LYS A 234 -5.57 -13.45 -11.18
C LYS A 234 -5.38 -14.36 -9.98
N THR A 235 -6.28 -14.31 -9.00
CA THR A 235 -6.14 -15.14 -7.80
C THR A 235 -6.89 -16.46 -7.89
N GLN A 236 -7.80 -16.58 -8.84
CA GLN A 236 -8.55 -17.82 -9.00
C GLN A 236 -7.78 -18.79 -9.89
N ALA A 237 -7.26 -19.85 -9.30
CA ALA A 237 -6.50 -20.85 -10.04
C ALA A 237 -7.35 -21.38 -11.19
S SO4 B . 0.45 -23.96 -4.87
O1 SO4 B . -0.84 -24.64 -4.66
O2 SO4 B . 1.54 -24.86 -4.44
O3 SO4 B . 0.63 -23.64 -6.29
O4 SO4 B . 0.48 -22.73 -4.05
S SO4 C . 1.42 -24.64 10.27
O1 SO4 C . 1.13 -23.78 9.11
O2 SO4 C . 2.16 -25.82 9.81
O3 SO4 C . 0.13 -25.04 10.87
O4 SO4 C . 2.24 -23.89 11.24
C01 HDB D . 6.17 8.09 -2.66
C02 HDB D . 7.08 7.65 -3.83
C03 HDB D . 7.50 6.29 -3.90
C04 HDB D . 7.09 5.35 -2.90
C05 HDB D . 6.25 5.78 -1.83
C06 HDB D . 5.81 7.11 -1.72
C07 HDB D . 5.68 9.51 -2.53
B HDB D . 7.51 3.89 -2.95
N09 HDB D . 4.22 9.45 -2.36
C10 HDB D . 3.45 10.56 -1.91
N11 HDB D . 2.17 10.46 -1.76
N12 HDB D . 4.07 11.78 -1.61
O13 HDB D . 8.40 3.54 -4.01
O14 HDB D . 8.11 3.47 -1.72
C15 HDB D . 9.52 2.91 -3.40
C16 HDB D . 9.00 2.43 -2.06
C17 HDB D . 10.07 1.76 -4.27
O18 HDB D . 9.85 1.99 -5.64
C TRS E . 2.51 -18.05 10.67
C1 TRS E . 2.33 -18.56 12.18
C2 TRS E . 3.25 -16.67 10.80
C3 TRS E . 1.17 -17.78 9.99
N TRS E . 3.29 -19.05 10.05
O1 TRS E . 1.99 -19.96 12.00
O2 TRS E . 2.70 -15.87 11.86
O3 TRS E . 1.06 -18.39 8.66
#